data_3C9G
#
_entry.id   3C9G
#
_cell.length_a   79.986
_cell.length_b   79.986
_cell.length_c   95.374
_cell.angle_alpha   90.00
_cell.angle_beta   90.00
_cell.angle_gamma   90.00
#
_symmetry.space_group_name_H-M   'P 43 21 2'
#
loop_
_entity.id
_entity.type
_entity.pdbx_description
1 polymer 'UPF0200/UPF0201 protein AF_1395'
2 water water
#
_entity_poly.entity_id   1
_entity_poly.type   'polypeptide(L)'
_entity_poly.pdbx_seq_one_letter_code
;SLKLAKNVEIEIRTKIHPTESEDKVLKAIRNIFPDAEIEISEEGEVYGRAYSLDRFRELLRKQRILDTARSEILKGRNGK
EVTIYLNKQTATVSRINFCDENAVLSPIKVTFRLNNIPFSRFLDYIAPETKDGRPVKEIDKL
;
_entity_poly.pdbx_strand_id   A,B
#
# COMPACT_ATOMS: atom_id res chain seq x y z
N LYS A 6 5.29 35.94 -5.31
CA LYS A 6 5.58 35.51 -6.76
C LYS A 6 5.93 33.99 -6.83
N ASN A 7 5.04 33.12 -6.35
CA ASN A 7 5.35 31.71 -6.38
C ASN A 7 4.21 30.73 -6.16
N VAL A 8 4.52 29.48 -6.49
CA VAL A 8 3.61 28.37 -6.31
C VAL A 8 4.36 27.47 -5.36
N GLU A 9 3.85 27.33 -4.15
CA GLU A 9 4.49 26.49 -3.15
C GLU A 9 4.00 25.07 -3.36
N ILE A 10 4.90 24.11 -3.51
CA ILE A 10 4.48 22.73 -3.71
C ILE A 10 4.84 21.86 -2.52
N GLU A 11 3.81 21.35 -1.85
CA GLU A 11 3.96 20.51 -0.67
C GLU A 11 3.62 19.04 -0.96
N ILE A 12 4.60 18.16 -0.76
CA ILE A 12 4.45 16.72 -0.99
C ILE A 12 4.30 15.93 0.31
N ARG A 13 3.28 15.10 0.37
CA ARG A 13 3.04 14.28 1.55
C ARG A 13 2.61 12.85 1.20
N THR A 14 3.22 11.88 1.87
CA THR A 14 2.88 10.46 1.68
C THR A 14 3.66 9.70 2.72
N LYS A 15 3.55 8.37 2.70
CA LYS A 15 4.31 7.57 3.66
C LYS A 15 5.07 6.38 3.06
N ILE A 16 6.05 5.92 3.82
CA ILE A 16 6.86 4.78 3.44
C ILE A 16 6.60 3.69 4.47
N HIS A 17 5.71 2.76 4.12
CA HIS A 17 5.38 1.67 5.03
C HIS A 17 6.54 0.69 5.15
N PRO A 18 6.55 -0.13 6.23
CA PRO A 18 7.62 -1.10 6.45
C PRO A 18 8.05 -1.92 5.24
N THR A 19 7.11 -2.44 4.44
CA THR A 19 7.52 -3.24 3.29
C THR A 19 7.92 -2.42 2.07
N GLU A 20 7.92 -1.09 2.18
CA GLU A 20 8.29 -0.27 1.03
C GLU A 20 9.75 0.14 1.03
N SER A 21 10.27 0.36 -0.16
CA SER A 21 11.65 0.79 -0.29
C SER A 21 11.71 2.32 -0.32
N GLU A 22 12.62 2.88 0.47
CA GLU A 22 12.83 4.33 0.54
C GLU A 22 13.27 4.86 -0.82
N ASP A 23 14.21 4.16 -1.46
CA ASP A 23 14.69 4.60 -2.75
C ASP A 23 13.58 4.72 -3.78
N LYS A 24 12.78 3.67 -3.92
CA LYS A 24 11.69 3.69 -4.90
C LYS A 24 10.66 4.77 -4.65
N VAL A 25 10.25 4.96 -3.41
CA VAL A 25 9.25 5.98 -3.12
C VAL A 25 9.75 7.38 -3.51
N LEU A 26 10.98 7.71 -3.13
CA LEU A 26 11.55 9.01 -3.43
C LEU A 26 11.70 9.28 -4.93
N LYS A 27 12.08 8.25 -5.69
CA LYS A 27 12.24 8.43 -7.13
C LYS A 27 10.87 8.62 -7.75
N ALA A 28 9.89 7.87 -7.25
CA ALA A 28 8.53 8.04 -7.77
C ALA A 28 8.14 9.51 -7.60
N ILE A 29 8.43 10.08 -6.43
CA ILE A 29 8.07 11.47 -6.20
C ILE A 29 8.84 12.38 -7.13
N ARG A 30 10.14 12.14 -7.28
CA ARG A 30 10.97 12.97 -8.14
C ARG A 30 10.76 12.78 -9.63
N ASN A 31 10.04 11.73 -10.02
CA ASN A 31 9.75 11.51 -11.42
C ASN A 31 8.74 12.58 -11.85
N ILE A 32 7.97 13.08 -10.87
CA ILE A 32 6.92 14.09 -11.08
C ILE A 32 7.49 15.48 -10.76
N PHE A 33 8.30 15.55 -9.71
CA PHE A 33 8.94 16.80 -9.28
C PHE A 33 10.41 16.52 -9.02
N PRO A 34 11.23 16.54 -10.09
CA PRO A 34 12.68 16.28 -10.07
C PRO A 34 13.54 17.04 -9.05
N ASP A 35 13.09 18.23 -8.65
CA ASP A 35 13.83 19.04 -7.69
C ASP A 35 13.12 19.04 -6.35
N ALA A 36 12.68 17.88 -5.89
CA ALA A 36 11.99 17.83 -4.60
C ALA A 36 12.99 17.74 -3.45
N GLU A 37 12.70 18.51 -2.40
CA GLU A 37 13.54 18.51 -1.21
C GLU A 37 12.71 17.62 -0.31
N ILE A 38 13.27 16.50 0.09
CA ILE A 38 12.53 15.55 0.89
C ILE A 38 13.15 15.07 2.21
N GLU A 39 12.31 15.01 3.24
CA GLU A 39 12.67 14.58 4.59
C GLU A 39 11.75 13.45 5.05
N ILE A 40 12.33 12.47 5.72
CA ILE A 40 11.58 11.31 6.21
C ILE A 40 11.65 11.19 7.73
N SER A 41 10.50 11.27 8.38
CA SER A 41 10.46 11.17 9.85
C SER A 41 10.83 9.74 10.21
N GLU A 42 11.11 9.47 11.48
CA GLU A 42 11.50 8.11 11.85
C GLU A 42 10.36 7.12 11.73
N GLU A 43 9.15 7.61 11.51
CA GLU A 43 8.01 6.73 11.38
C GLU A 43 7.68 6.44 9.91
N GLY A 44 8.32 7.15 9.00
CA GLY A 44 8.06 6.93 7.59
C GLY A 44 7.24 8.00 6.91
N GLU A 45 6.89 9.06 7.64
CA GLU A 45 6.12 10.15 7.04
C GLU A 45 7.06 10.90 6.10
N VAL A 46 6.57 11.14 4.89
CA VAL A 46 7.36 11.86 3.88
C VAL A 46 6.91 13.31 3.75
N TYR A 47 7.87 14.23 3.81
CA TYR A 47 7.57 15.67 3.67
C TYR A 47 8.50 16.24 2.61
N GLY A 48 7.91 16.68 1.50
CA GLY A 48 8.72 17.22 0.43
C GLY A 48 8.26 18.59 0.00
N ARG A 49 9.18 19.34 -0.62
CA ARG A 49 8.87 20.68 -1.11
C ARG A 49 9.46 20.82 -2.50
N ALA A 50 8.62 21.16 -3.46
CA ALA A 50 9.09 21.31 -4.83
C ALA A 50 8.76 22.71 -5.36
N TYR A 51 9.27 23.04 -6.54
CA TYR A 51 8.99 24.34 -7.12
C TYR A 51 8.67 24.31 -8.63
N SER A 52 9.55 23.73 -9.42
CA SER A 52 9.29 23.65 -10.85
C SER A 52 8.13 22.70 -11.15
N LEU A 53 7.26 23.13 -12.06
CA LEU A 53 6.11 22.35 -12.48
C LEU A 53 6.35 21.88 -13.93
N ASP A 54 7.58 22.01 -14.40
CA ASP A 54 7.91 21.62 -15.76
C ASP A 54 7.63 20.16 -16.05
N ARG A 55 8.10 19.29 -15.17
CA ARG A 55 7.89 17.86 -15.37
C ARG A 55 6.41 17.51 -15.30
N PHE A 56 5.70 18.12 -14.35
CA PHE A 56 4.27 17.87 -14.17
C PHE A 56 3.42 18.24 -15.39
N ARG A 57 3.70 19.41 -15.99
CA ARG A 57 2.96 19.84 -17.16
C ARG A 57 3.27 18.93 -18.36
N GLU A 58 4.55 18.68 -18.58
CA GLU A 58 5.01 17.82 -19.66
C GLU A 58 4.29 16.46 -19.68
N LEU A 59 4.28 15.78 -18.54
CA LEU A 59 3.64 14.47 -18.43
C LEU A 59 2.11 14.50 -18.61
N LEU A 60 1.47 15.57 -18.15
CA LEU A 60 0.02 15.65 -18.29
C LEU A 60 -0.32 15.80 -19.77
N ARG A 61 0.64 16.30 -20.53
CA ARG A 61 0.49 16.54 -21.97
C ARG A 61 0.94 15.35 -22.81
N LYS A 62 2.10 14.78 -22.49
CA LYS A 62 2.61 13.63 -23.22
C LYS A 62 1.74 12.40 -23.00
N GLN A 63 0.92 12.44 -21.95
CA GLN A 63 0.03 11.33 -21.61
C GLN A 63 -1.41 11.70 -21.96
N ARG A 64 -1.56 12.82 -22.65
CA ARG A 64 -2.88 13.31 -23.07
C ARG A 64 -3.96 13.27 -22.00
N ILE A 65 -3.63 13.73 -20.81
CA ILE A 65 -4.59 13.75 -19.72
C ILE A 65 -4.71 15.16 -19.11
N LEU A 66 -5.45 16.04 -19.78
CA LEU A 66 -5.64 17.41 -19.30
C LEU A 66 -7.08 17.61 -18.84
N ASP A 67 -7.98 16.77 -19.34
CA ASP A 67 -9.38 16.85 -18.97
C ASP A 67 -9.57 16.38 -17.53
N THR A 68 -8.92 15.26 -17.20
CA THR A 68 -9.00 14.68 -15.86
C THR A 68 -8.23 15.61 -14.93
N ALA A 69 -7.08 16.06 -15.41
CA ALA A 69 -6.24 16.97 -14.63
C ALA A 69 -7.00 18.22 -14.25
N ARG A 70 -7.50 18.93 -15.26
CA ARG A 70 -8.25 20.17 -15.06
C ARG A 70 -9.43 19.99 -14.12
N SER A 71 -10.22 18.94 -14.29
CA SER A 71 -11.38 18.76 -13.44
C SER A 71 -10.94 18.48 -12.01
N GLU A 72 -9.93 17.64 -11.86
CA GLU A 72 -9.42 17.27 -10.54
C GLU A 72 -8.79 18.48 -9.83
N ILE A 73 -8.15 19.36 -10.59
CA ILE A 73 -7.54 20.56 -9.99
C ILE A 73 -8.67 21.33 -9.32
N LEU A 74 -9.78 21.43 -10.03
CA LEU A 74 -10.96 22.15 -9.57
C LEU A 74 -11.67 21.47 -8.41
N LYS A 75 -11.81 20.15 -8.52
CA LYS A 75 -12.47 19.35 -7.51
C LYS A 75 -11.68 19.42 -6.20
N GLY A 76 -10.38 19.69 -6.32
CA GLY A 76 -9.53 19.77 -5.14
C GLY A 76 -9.10 21.15 -4.67
N ARG A 77 -9.81 22.18 -5.13
CA ARG A 77 -9.49 23.55 -4.73
C ARG A 77 -10.15 23.88 -3.41
N ASN A 78 -9.51 24.74 -2.63
CA ASN A 78 -10.04 25.14 -1.32
C ASN A 78 -10.04 26.67 -1.20
N GLY A 79 -9.47 27.32 -2.21
CA GLY A 79 -9.39 28.76 -2.21
C GLY A 79 -8.05 29.08 -2.83
N LYS A 80 -7.02 29.15 -1.98
CA LYS A 80 -5.67 29.44 -2.46
C LYS A 80 -4.79 28.18 -2.37
N GLU A 81 -5.35 27.10 -1.83
CA GLU A 81 -4.62 25.84 -1.72
C GLU A 81 -5.35 24.77 -2.54
N VAL A 82 -4.63 24.14 -3.46
CA VAL A 82 -5.22 23.08 -4.28
C VAL A 82 -4.60 21.75 -3.86
N THR A 83 -5.43 20.76 -3.59
CA THR A 83 -4.93 19.46 -3.18
C THR A 83 -5.38 18.32 -4.10
N ILE A 84 -4.40 17.57 -4.60
CA ILE A 84 -4.68 16.43 -5.47
C ILE A 84 -3.95 15.23 -4.89
N TYR A 85 -4.31 14.04 -5.36
CA TYR A 85 -3.68 12.80 -4.91
C TYR A 85 -3.18 11.99 -6.09
N LEU A 86 -1.86 11.76 -6.15
CA LEU A 86 -1.27 11.01 -7.23
C LEU A 86 -0.89 9.59 -6.84
N ASN A 87 -1.23 8.66 -7.72
CA ASN A 87 -0.92 7.25 -7.53
C ASN A 87 0.58 7.13 -7.39
N LYS A 88 1.03 6.66 -6.24
CA LYS A 88 2.45 6.49 -5.99
C LYS A 88 3.04 5.34 -6.78
N GLN A 89 2.25 4.28 -6.96
CA GLN A 89 2.79 3.14 -7.69
C GLN A 89 3.06 3.48 -9.15
N THR A 90 2.07 4.05 -9.85
CA THR A 90 2.25 4.43 -11.27
C THR A 90 3.33 5.52 -11.43
N ALA A 91 3.51 6.36 -10.42
CA ALA A 91 4.51 7.42 -10.51
C ALA A 91 5.94 6.85 -10.62
N THR A 92 6.11 5.58 -10.22
CA THR A 92 7.42 4.93 -10.29
C THR A 92 7.89 4.89 -11.76
N VAL A 93 6.94 4.97 -12.69
CA VAL A 93 7.26 4.97 -14.12
C VAL A 93 6.75 6.29 -14.69
N SER A 94 6.68 7.26 -13.79
CA SER A 94 6.26 8.63 -14.08
C SER A 94 4.92 8.76 -14.79
N ARG A 95 4.04 7.79 -14.58
CA ARG A 95 2.71 7.85 -15.18
C ARG A 95 1.80 8.53 -14.15
N ILE A 96 1.17 9.62 -14.55
CA ILE A 96 0.28 10.36 -13.67
C ILE A 96 -1.11 9.77 -13.65
N ASN A 97 -1.59 9.47 -12.45
CA ASN A 97 -2.92 8.91 -12.23
C ASN A 97 -3.51 9.58 -11.00
N PHE A 98 -4.62 10.28 -11.16
CA PHE A 98 -5.28 10.94 -10.03
C PHE A 98 -6.12 9.91 -9.31
N CYS A 99 -6.00 9.86 -7.99
CA CYS A 99 -6.75 8.89 -7.19
C CYS A 99 -7.36 9.47 -5.93
N ASP A 100 -7.77 8.60 -5.02
CA ASP A 100 -8.36 9.03 -3.75
C ASP A 100 -7.33 8.99 -2.64
N GLU A 101 -7.79 9.29 -1.43
CA GLU A 101 -6.94 9.34 -0.25
C GLU A 101 -6.57 7.98 0.34
N ASN A 102 -7.38 6.97 0.07
CA ASN A 102 -7.14 5.63 0.62
C ASN A 102 -6.37 4.64 -0.26
N ALA A 103 -5.85 5.10 -1.39
CA ALA A 103 -5.09 4.21 -2.29
C ALA A 103 -4.07 3.38 -1.52
N VAL A 104 -3.95 2.14 -1.96
CA VAL A 104 -3.26 1.05 -1.27
C VAL A 104 -1.75 1.11 -1.50
N SER A 106 0.45 4.12 0.38
CA SER A 106 -0.33 5.37 0.34
C SER A 106 -0.08 6.21 -0.93
N PRO A 107 -0.97 7.15 -1.24
CA PRO A 107 -0.74 7.96 -2.45
C PRO A 107 0.15 9.15 -2.12
N ILE A 108 0.47 9.94 -3.14
CA ILE A 108 1.28 11.15 -2.98
C ILE A 108 0.32 12.31 -2.86
N LYS A 109 0.21 12.91 -1.68
CA LYS A 109 -0.66 14.08 -1.52
C LYS A 109 0.19 15.26 -1.96
N VAL A 110 -0.37 16.08 -2.85
CA VAL A 110 0.35 17.24 -3.36
C VAL A 110 -0.50 18.48 -3.17
N THR A 111 -0.07 19.37 -2.28
CA THR A 111 -0.82 20.59 -2.05
C THR A 111 -0.05 21.75 -2.67
N PHE A 112 -0.69 22.44 -3.61
CA PHE A 112 -0.07 23.60 -4.27
C PHE A 112 -0.47 24.85 -3.52
N ARG A 113 0.48 25.66 -3.10
CA ARG A 113 0.14 26.88 -2.39
C ARG A 113 0.31 28.05 -3.35
N LEU A 114 -0.81 28.55 -3.84
CA LEU A 114 -0.81 29.69 -4.77
C LEU A 114 -0.80 30.98 -3.95
N ASN A 115 0.39 31.56 -3.83
CA ASN A 115 0.59 32.78 -3.06
C ASN A 115 0.05 34.05 -3.72
N ASN A 116 0.68 34.48 -4.81
CA ASN A 116 0.19 35.67 -5.48
C ASN A 116 -0.05 35.41 -6.96
N ILE A 117 -0.67 34.27 -7.23
CA ILE A 117 -1.00 33.85 -8.58
C ILE A 117 -2.45 33.38 -8.54
N PRO A 118 -3.36 34.05 -9.27
CA PRO A 118 -4.77 33.65 -9.24
C PRO A 118 -5.02 32.19 -9.67
N PHE A 119 -5.88 31.52 -8.90
CA PHE A 119 -6.23 30.13 -9.14
C PHE A 119 -6.68 29.86 -10.56
N SER A 120 -7.55 30.73 -11.07
CA SER A 120 -8.06 30.59 -12.42
C SER A 120 -6.91 30.54 -13.42
N ARG A 121 -5.87 31.32 -13.14
CA ARG A 121 -4.72 31.36 -14.02
C ARG A 121 -3.85 30.12 -13.88
N PHE A 122 -3.80 29.58 -12.67
CA PHE A 122 -3.01 28.39 -12.39
C PHE A 122 -3.57 27.24 -13.22
N LEU A 123 -4.89 27.09 -13.18
CA LEU A 123 -5.58 26.04 -13.92
C LEU A 123 -5.19 26.01 -15.40
N ASP A 124 -5.40 27.11 -16.10
CA ASP A 124 -5.07 27.19 -17.53
C ASP A 124 -3.57 27.00 -17.80
N TYR A 125 -2.76 27.08 -16.75
CA TYR A 125 -1.32 26.92 -16.91
C TYR A 125 -0.89 25.46 -16.82
N ILE A 126 -1.57 24.71 -15.97
CA ILE A 126 -1.25 23.29 -15.80
C ILE A 126 -2.19 22.47 -16.68
N ALA A 127 -3.49 22.72 -16.57
CA ALA A 127 -4.49 21.97 -17.32
C ALA A 127 -5.48 22.80 -18.16
N PRO A 128 -5.00 23.44 -19.23
CA PRO A 128 -5.89 24.25 -20.07
C PRO A 128 -7.06 23.46 -20.71
N GLU A 129 -8.03 24.19 -21.25
CA GLU A 129 -9.20 23.59 -21.91
C GLU A 129 -8.80 22.94 -23.25
N THR A 130 -9.67 22.06 -23.76
CA THR A 130 -9.48 21.32 -25.02
C THR A 130 -8.48 21.89 -26.05
N LYS A 131 -7.21 21.46 -25.96
CA LYS A 131 -6.15 21.94 -26.87
C LYS A 131 -6.14 23.45 -27.06
N ASP A 132 -6.33 24.24 -26.01
CA ASP A 132 -6.34 25.68 -26.24
C ASP A 132 -5.10 26.44 -25.81
N GLY A 133 -5.10 27.75 -26.08
CA GLY A 133 -3.98 28.60 -25.74
C GLY A 133 -3.12 28.11 -24.59
N ARG A 134 -1.80 28.14 -24.77
CA ARG A 134 -0.88 27.68 -23.74
C ARG A 134 0.17 28.73 -23.38
N PRO A 135 0.13 29.25 -22.13
CA PRO A 135 1.11 30.26 -21.70
C PRO A 135 2.40 29.69 -21.11
N VAL A 136 3.37 30.57 -20.90
CA VAL A 136 4.65 30.18 -20.31
C VAL A 136 5.00 31.17 -19.21
N VAL B 8 -3.18 -30.56 6.34
CA VAL B 8 -3.29 -29.08 6.16
C VAL B 8 -2.27 -28.51 5.17
N GLU B 9 -2.76 -27.85 4.13
CA GLU B 9 -1.87 -27.22 3.16
C GLU B 9 -2.05 -25.73 3.37
N ILE B 10 -0.96 -24.98 3.31
CA ILE B 10 -1.04 -23.54 3.50
C ILE B 10 -0.74 -22.85 2.18
N GLU B 11 -1.75 -22.16 1.68
CA GLU B 11 -1.64 -21.40 0.45
C GLU B 11 -1.54 -19.92 0.82
N ILE B 12 -0.53 -19.25 0.26
CA ILE B 12 -0.34 -17.85 0.56
C ILE B 12 -0.39 -17.01 -0.71
N ARG B 13 -1.13 -15.91 -0.64
CA ARG B 13 -1.23 -14.99 -1.77
C ARG B 13 -1.11 -13.56 -1.26
N THR B 14 -0.47 -12.72 -2.07
CA THR B 14 -0.32 -11.30 -1.76
C THR B 14 0.34 -10.65 -2.99
N LYS B 15 0.75 -9.40 -2.88
CA LYS B 15 1.39 -8.73 -4.03
C LYS B 15 2.62 -7.95 -3.61
N ILE B 16 3.49 -7.69 -4.59
CA ILE B 16 4.68 -6.86 -4.41
C ILE B 16 4.37 -5.65 -5.30
N HIS B 17 3.96 -4.52 -4.73
CA HIS B 17 3.66 -3.36 -5.56
C HIS B 17 4.94 -2.69 -6.05
N PRO B 18 4.84 -1.84 -7.09
CA PRO B 18 6.01 -1.15 -7.64
C PRO B 18 6.93 -0.48 -6.60
N THR B 19 6.37 0.01 -5.49
CA THR B 19 7.23 0.64 -4.50
C THR B 19 7.70 -0.27 -3.38
N GLU B 20 7.32 -1.55 -3.42
CA GLU B 20 7.75 -2.46 -2.35
C GLU B 20 9.04 -3.17 -2.69
N SER B 21 9.70 -3.70 -1.67
CA SER B 21 10.93 -4.45 -1.86
C SER B 21 10.53 -5.92 -1.85
N GLU B 22 11.09 -6.71 -2.75
CA GLU B 22 10.77 -8.14 -2.78
C GLU B 22 11.31 -8.81 -1.51
N ASP B 23 12.52 -8.43 -1.09
CA ASP B 23 13.13 -9.00 0.11
C ASP B 23 12.26 -8.84 1.35
N LYS B 24 11.79 -7.62 1.59
CA LYS B 24 10.99 -7.36 2.78
C LYS B 24 9.65 -8.07 2.77
N VAL B 25 9.06 -8.29 1.60
CA VAL B 25 7.78 -8.99 1.57
C VAL B 25 7.97 -10.49 1.77
N LEU B 26 9.04 -11.04 1.22
CA LEU B 26 9.31 -12.46 1.36
C LEU B 26 9.66 -12.76 2.83
N LYS B 27 10.31 -11.82 3.50
CA LYS B 27 10.65 -12.04 4.89
C LYS B 27 9.44 -11.90 5.81
N ALA B 28 8.56 -10.94 5.53
CA ALA B 28 7.37 -10.79 6.38
C ALA B 28 6.59 -12.10 6.32
N ILE B 29 6.52 -12.69 5.13
CA ILE B 29 5.81 -13.94 4.92
C ILE B 29 6.52 -15.05 5.70
N ARG B 30 7.82 -15.18 5.49
CA ARG B 30 8.61 -16.19 6.18
C ARG B 30 8.63 -15.99 7.69
N ASN B 31 8.48 -14.76 8.17
CA ASN B 31 8.47 -14.53 9.62
C ASN B 31 7.32 -15.31 10.23
N ILE B 32 6.22 -15.49 9.48
CA ILE B 32 5.08 -16.25 10.01
C ILE B 32 5.12 -17.72 9.55
N PHE B 33 5.57 -17.96 8.33
CA PHE B 33 5.65 -19.31 7.77
C PHE B 33 7.04 -19.51 7.17
N PRO B 34 8.00 -19.93 7.99
CA PRO B 34 9.41 -20.16 7.62
C PRO B 34 9.72 -21.11 6.45
N ASP B 35 8.90 -22.15 6.25
CA ASP B 35 9.17 -23.12 5.19
C ASP B 35 8.45 -22.87 3.88
N ALA B 36 8.05 -21.62 3.64
CA ALA B 36 7.34 -21.30 2.43
C ALA B 36 8.20 -21.17 1.19
N GLU B 37 7.70 -21.69 0.08
CA GLU B 37 8.38 -21.56 -1.20
C GLU B 37 7.52 -20.53 -1.92
N ILE B 38 8.15 -19.44 -2.36
CA ILE B 38 7.42 -18.41 -3.05
C ILE B 38 7.83 -18.26 -4.50
N GLU B 39 6.85 -17.93 -5.33
CA GLU B 39 7.08 -17.70 -6.75
C GLU B 39 6.47 -16.34 -6.95
N ILE B 40 7.14 -15.51 -7.74
CA ILE B 40 6.70 -14.16 -8.02
C ILE B 40 6.63 -13.94 -9.53
N SER B 41 5.46 -13.52 -10.01
CA SER B 41 5.29 -13.26 -11.43
C SER B 41 5.93 -11.94 -11.85
N GLU B 42 5.99 -11.70 -13.16
CA GLU B 42 6.58 -10.50 -13.70
C GLU B 42 5.85 -9.25 -13.19
N GLU B 43 4.57 -9.42 -12.87
CA GLU B 43 3.75 -8.31 -12.40
C GLU B 43 3.61 -8.17 -10.88
N GLY B 44 4.44 -8.88 -10.13
CA GLY B 44 4.40 -8.78 -8.68
C GLY B 44 3.49 -9.72 -7.91
N GLU B 45 2.80 -10.63 -8.57
CA GLU B 45 1.94 -11.54 -7.83
C GLU B 45 2.80 -12.53 -7.04
N VAL B 46 2.39 -12.79 -5.81
CA VAL B 46 3.11 -13.68 -4.92
C VAL B 46 2.31 -14.97 -4.67
N TYR B 47 2.89 -16.10 -5.01
CA TYR B 47 2.23 -17.37 -4.78
C TYR B 47 3.07 -18.15 -3.81
N GLY B 48 2.50 -18.46 -2.67
CA GLY B 48 3.24 -19.20 -1.67
C GLY B 48 2.57 -20.48 -1.20
N ARG B 49 3.41 -21.37 -0.66
CA ARG B 49 2.96 -22.67 -0.15
C ARG B 49 3.80 -23.00 1.09
N ALA B 50 3.13 -23.31 2.19
CA ALA B 50 3.80 -23.60 3.44
C ALA B 50 3.13 -24.80 4.11
N TYR B 51 3.74 -25.30 5.19
CA TYR B 51 3.18 -26.46 5.90
C TYR B 51 3.21 -26.40 7.43
N SER B 52 4.35 -26.03 8.00
CA SER B 52 4.43 -25.97 9.46
C SER B 52 3.62 -24.81 10.05
N LEU B 53 2.84 -25.11 11.08
CA LEU B 53 2.01 -24.11 11.79
C LEU B 53 2.69 -23.74 13.11
N ASP B 54 3.83 -24.36 13.37
CA ASP B 54 4.61 -24.13 14.59
C ASP B 54 4.76 -22.66 14.94
N ARG B 55 5.42 -21.92 14.06
CA ARG B 55 5.67 -20.49 14.28
C ARG B 55 4.37 -19.70 14.43
N PHE B 56 3.40 -19.95 13.57
CA PHE B 56 2.13 -19.25 13.62
C PHE B 56 1.47 -19.48 14.98
N ARG B 57 1.51 -20.72 15.46
CA ARG B 57 0.92 -21.03 16.76
C ARG B 57 1.74 -20.40 17.88
N GLU B 58 3.05 -20.47 17.74
CA GLU B 58 3.96 -19.91 18.73
C GLU B 58 3.66 -18.42 18.92
N LEU B 59 3.60 -17.67 17.81
CA LEU B 59 3.32 -16.23 17.87
C LEU B 59 1.95 -15.85 18.42
N LEU B 60 0.90 -16.55 18.00
CA LEU B 60 -0.46 -16.24 18.47
C LEU B 60 -0.57 -16.32 19.99
N ARG B 61 0.22 -17.21 20.59
CA ARG B 61 0.20 -17.42 22.03
C ARG B 61 1.07 -16.39 22.77
N LYS B 62 2.27 -16.13 22.22
CA LYS B 62 3.22 -15.17 22.81
C LYS B 62 2.63 -13.76 22.82
N GLN B 63 1.73 -13.49 21.87
CA GLN B 63 1.11 -12.18 21.72
C GLN B 63 -0.27 -12.18 22.36
N ARG B 64 -0.66 -13.33 22.91
CA ARG B 64 -1.93 -13.47 23.60
C ARG B 64 -3.09 -12.94 22.78
N ILE B 65 -3.32 -13.53 21.61
CA ILE B 65 -4.41 -13.08 20.76
C ILE B 65 -5.23 -14.25 20.21
N LEU B 66 -5.29 -15.33 20.97
CA LEU B 66 -6.05 -16.51 20.56
C LEU B 66 -7.54 -16.17 20.44
N ASP B 67 -8.00 -15.19 21.21
CA ASP B 67 -9.41 -14.78 21.16
C ASP B 67 -9.81 -14.28 19.78
N THR B 68 -8.99 -13.41 19.20
CA THR B 68 -9.24 -12.85 17.88
C THR B 68 -9.00 -13.93 16.82
N ALA B 69 -7.95 -14.72 17.03
CA ALA B 69 -7.60 -15.79 16.11
C ALA B 69 -8.73 -16.78 15.98
N ARG B 70 -9.19 -17.30 17.11
CA ARG B 70 -10.26 -18.28 17.12
C ARG B 70 -11.49 -17.74 16.38
N SER B 71 -11.78 -16.46 16.57
CA SER B 71 -12.93 -15.84 15.93
C SER B 71 -12.75 -15.60 14.43
N GLU B 72 -11.60 -15.07 14.05
CA GLU B 72 -11.32 -14.78 12.65
C GLU B 72 -11.24 -16.07 11.83
N ILE B 73 -10.89 -17.19 12.48
CA ILE B 73 -10.83 -18.49 11.80
C ILE B 73 -12.26 -18.91 11.44
N LEU B 74 -13.15 -18.86 12.43
CA LEU B 74 -14.56 -19.20 12.21
C LEU B 74 -15.13 -18.39 11.05
N LYS B 75 -14.89 -17.08 11.10
CA LYS B 75 -15.40 -16.18 10.07
C LYS B 75 -14.88 -16.51 8.68
N GLY B 76 -13.64 -16.96 8.60
CA GLY B 76 -13.07 -17.29 7.31
C GLY B 76 -13.23 -18.74 6.86
N ARG B 77 -14.03 -19.50 7.60
CA ARG B 77 -14.27 -20.90 7.28
C ARG B 77 -15.36 -21.05 6.22
N ASN B 78 -15.00 -21.70 5.12
CA ASN B 78 -15.96 -21.98 4.06
C ASN B 78 -15.63 -23.33 3.45
N GLY B 79 -16.35 -24.34 3.88
CA GLY B 79 -16.10 -25.68 3.40
C GLY B 79 -14.95 -26.32 4.15
N LYS B 80 -14.01 -26.87 3.39
CA LYS B 80 -12.86 -27.50 4.00
C LYS B 80 -11.66 -26.55 3.94
N GLU B 81 -11.94 -25.29 3.61
CA GLU B 81 -10.91 -24.25 3.53
C GLU B 81 -11.16 -23.12 4.51
N VAL B 82 -10.09 -22.51 4.99
CA VAL B 82 -10.17 -21.40 5.93
C VAL B 82 -9.29 -20.28 5.38
N THR B 83 -9.87 -19.11 5.18
CA THR B 83 -9.13 -17.97 4.65
C THR B 83 -9.08 -16.83 5.65
N ILE B 84 -7.87 -16.38 6.00
CA ILE B 84 -7.74 -15.25 6.91
C ILE B 84 -6.78 -14.26 6.25
N TYR B 85 -6.74 -13.03 6.75
CA TYR B 85 -5.87 -12.02 6.20
C TYR B 85 -4.99 -11.40 7.28
N LEU B 86 -3.68 -11.47 7.08
CA LEU B 86 -2.73 -10.92 8.03
C LEU B 86 -2.11 -9.63 7.47
N ASN B 87 -1.94 -8.66 8.37
CA ASN B 87 -1.34 -7.38 8.04
C ASN B 87 0.09 -7.63 7.62
N LYS B 88 0.41 -7.35 6.37
CA LYS B 88 1.76 -7.59 5.85
C LYS B 88 2.82 -6.71 6.52
N GLN B 89 2.46 -5.48 6.88
CA GLN B 89 3.43 -4.59 7.51
C GLN B 89 3.88 -5.07 8.89
N THR B 90 2.92 -5.31 9.78
CA THR B 90 3.25 -5.77 11.12
C THR B 90 4.03 -7.08 11.04
N ALA B 91 3.77 -7.85 10.00
CA ALA B 91 4.46 -9.13 9.85
C ALA B 91 5.95 -8.99 9.63
N THR B 92 6.40 -7.77 9.31
CA THR B 92 7.83 -7.55 9.06
C THR B 92 8.63 -7.70 10.35
N VAL B 93 7.95 -7.52 11.49
CA VAL B 93 8.58 -7.64 12.80
C VAL B 93 7.89 -8.81 13.51
N SER B 94 7.60 -9.83 12.72
CA SER B 94 6.96 -11.03 13.20
C SER B 94 5.80 -10.79 14.13
N ARG B 95 4.89 -9.90 13.73
CA ARG B 95 3.73 -9.62 14.55
C ARG B 95 2.48 -9.88 13.71
N ILE B 96 1.54 -10.61 14.29
CA ILE B 96 0.32 -10.96 13.61
C ILE B 96 -0.85 -10.05 13.90
N ASN B 97 -1.42 -9.49 12.85
CA ASN B 97 -2.59 -8.63 12.96
C ASN B 97 -3.60 -9.06 11.92
N PHE B 98 -4.78 -9.45 12.37
CA PHE B 98 -5.81 -9.87 11.43
C PHE B 98 -6.43 -8.61 10.87
N CYS B 99 -6.60 -8.58 9.55
CA CYS B 99 -7.16 -7.41 8.89
C CYS B 99 -8.19 -7.80 7.84
N ASP B 100 -8.62 -6.82 7.06
CA ASP B 100 -9.61 -7.05 6.01
C ASP B 100 -8.89 -7.29 4.69
N GLU B 101 -9.64 -7.67 3.66
CA GLU B 101 -9.06 -7.93 2.36
C GLU B 101 -8.68 -6.65 1.58
N ASN B 102 -9.17 -5.50 2.02
CA ASN B 102 -8.88 -4.25 1.33
C ASN B 102 -7.70 -3.45 1.91
N ALA B 103 -7.03 -4.02 2.89
CA ALA B 103 -5.90 -3.37 3.54
C ALA B 103 -4.80 -2.87 2.62
N VAL B 104 -3.91 -2.07 3.19
CA VAL B 104 -2.78 -1.49 2.48
C VAL B 104 -1.49 -2.10 3.04
N SER B 106 -0.53 -4.55 -0.04
CA SER B 106 -1.76 -5.25 0.34
C SER B 106 -1.46 -6.28 1.44
N PRO B 107 -2.50 -6.96 1.97
CA PRO B 107 -2.25 -7.94 3.04
C PRO B 107 -1.84 -9.34 2.55
N ILE B 108 -1.51 -10.18 3.52
CA ILE B 108 -1.12 -11.56 3.22
C ILE B 108 -2.33 -12.45 3.37
N LYS B 109 -2.89 -12.85 2.24
CA LYS B 109 -4.05 -13.73 2.21
C LYS B 109 -3.50 -15.14 2.44
N VAL B 110 -3.97 -15.76 3.51
CA VAL B 110 -3.54 -17.10 3.86
C VAL B 110 -4.73 -18.04 3.75
N THR B 111 -4.58 -19.10 2.98
CA THR B 111 -5.68 -20.04 2.82
C THR B 111 -5.31 -21.45 3.28
N PHE B 112 -5.86 -21.86 4.42
CA PHE B 112 -5.60 -23.19 4.94
C PHE B 112 -6.51 -24.23 4.27
N ARG B 113 -5.94 -25.31 3.76
CA ARG B 113 -6.74 -26.33 3.12
C ARG B 113 -6.67 -27.55 4.05
N LEU B 114 -7.81 -27.92 4.61
CA LEU B 114 -7.89 -29.08 5.51
C LEU B 114 -8.14 -30.39 4.74
N ASN B 115 -7.13 -31.26 4.74
CA ASN B 115 -7.21 -32.54 4.05
C ASN B 115 -8.10 -33.53 4.79
N ASN B 116 -7.56 -34.13 5.83
CA ASN B 116 -8.29 -35.12 6.60
C ASN B 116 -8.98 -34.53 7.82
N ILE B 117 -8.19 -34.08 8.80
CA ILE B 117 -8.72 -33.52 10.04
C ILE B 117 -9.99 -32.69 9.86
N PRO B 118 -10.89 -32.71 10.86
CA PRO B 118 -12.13 -31.94 10.80
C PRO B 118 -11.83 -30.49 11.18
N PHE B 119 -12.72 -29.57 10.85
CA PHE B 119 -12.53 -28.15 11.17
C PHE B 119 -12.33 -27.94 12.67
N SER B 120 -13.28 -28.47 13.44
CA SER B 120 -13.25 -28.33 14.90
C SER B 120 -11.86 -28.64 15.43
N ARG B 121 -11.26 -29.71 14.92
CA ARG B 121 -9.92 -30.13 15.32
C ARG B 121 -8.90 -29.03 15.02
N PHE B 122 -9.07 -28.37 13.88
CA PHE B 122 -8.16 -27.30 13.46
C PHE B 122 -8.30 -26.05 14.35
N LEU B 123 -9.53 -25.69 14.70
CA LEU B 123 -9.77 -24.53 15.55
C LEU B 123 -9.05 -24.61 16.90
N ASP B 124 -9.15 -25.76 17.56
CA ASP B 124 -8.53 -25.98 18.87
C ASP B 124 -7.02 -26.21 18.84
N TYR B 125 -6.48 -26.45 17.65
CA TYR B 125 -5.04 -26.68 17.53
C TYR B 125 -4.31 -25.34 17.33
N ILE B 126 -4.93 -24.46 16.55
CA ILE B 126 -4.38 -23.13 16.28
C ILE B 126 -4.78 -22.15 17.39
N ALA B 127 -6.07 -22.00 17.61
CA ALA B 127 -6.56 -21.10 18.64
C ALA B 127 -7.57 -21.75 19.58
N PRO B 128 -7.09 -22.57 20.53
CA PRO B 128 -8.00 -23.22 21.46
C PRO B 128 -8.63 -22.23 22.45
N GLU B 129 -9.79 -22.63 22.97
CA GLU B 129 -10.62 -21.87 23.90
C GLU B 129 -10.05 -20.76 24.80
N THR B 130 -9.16 -21.15 25.69
CA THR B 130 -8.54 -20.22 26.63
C THR B 130 -7.08 -20.58 26.35
N LYS B 131 -6.13 -19.95 27.02
CA LYS B 131 -4.74 -20.27 26.78
C LYS B 131 -4.46 -21.71 27.25
N ASP B 132 -5.51 -22.41 27.69
CA ASP B 132 -5.42 -23.77 28.26
C ASP B 132 -5.74 -25.05 27.48
N GLY B 133 -5.38 -26.15 28.15
CA GLY B 133 -5.61 -27.53 27.72
C GLY B 133 -5.76 -27.80 26.25
N ARG B 134 -4.67 -27.65 25.55
CA ARG B 134 -4.69 -27.80 24.11
C ARG B 134 -4.12 -29.03 23.42
N PRO B 135 -4.79 -29.46 22.34
CA PRO B 135 -4.42 -30.62 21.53
C PRO B 135 -3.10 -30.36 20.83
N VAL B 136 -2.40 -31.43 20.49
CA VAL B 136 -1.13 -31.31 19.79
C VAL B 136 -1.08 -32.43 18.75
#